data_4JGJ
#
_entry.id   4JGJ
#
_cell.length_a   101.168
_cell.length_b   101.168
_cell.length_c   75.729
_cell.angle_alpha   90.00
_cell.angle_beta   90.00
_cell.angle_gamma   120.00
#
_symmetry.space_group_name_H-M   'H 3'
#
loop_
_entity.id
_entity.type
_entity.pdbx_description
1 polymer 'Carcinoembryonic antigen-related cell adhesion molecule 15'
2 polymer 'Unknown peptide'
3 non-polymer 2-acetamido-2-deoxy-beta-D-glucopyranose
4 water water
#
loop_
_entity_poly.entity_id
_entity_poly.type
_entity_poly.pdbx_seq_one_letter_code
_entity_poly.pdbx_strand_id
1 'polypeptide(L)'
;QDYGGTAALLTSKEMRFSAAEGAKVLLSVPDQEENLLSFSWYKGKDVNENFTIAHYKKSSDSLQLGKKVSGREEIYKDGS
MMLRAITLEDTGFYTLQTFKAHGQQEVTHVHLQVYKIVTKAENLYF
;
A,B
2 'polypeptide(L)' (UNK)(UNK)(UNK)(UNK)(UNK)(UNK)(UNK)(UNK) X,Y
#
loop_
_chem_comp.id
_chem_comp.type
_chem_comp.name
_chem_comp.formula
NAG D-saccharide, beta linking 2-acetamido-2-deoxy-beta-D-glucopyranose 'C8 H15 N O6'
#
# COMPACT_ATOMS: atom_id res chain seq x y z
N ALA A 8 -15.16 5.95 23.86
CA ALA A 8 -16.29 5.02 23.83
C ALA A 8 -15.85 3.57 23.73
N LEU A 9 -16.36 2.86 22.72
CA LEU A 9 -16.09 1.43 22.58
C LEU A 9 -14.66 1.13 22.15
N LEU A 10 -14.24 -0.10 22.41
CA LEU A 10 -12.89 -0.55 22.06
C LEU A 10 -12.85 -2.06 22.13
N THR A 11 -12.96 -2.74 21.00
CA THR A 11 -12.96 -4.20 21.01
C THR A 11 -11.52 -4.65 20.78
N SER A 12 -11.17 -5.85 21.22
CA SER A 12 -9.81 -6.31 21.05
C SER A 12 -9.77 -7.80 20.95
N LYS A 13 -8.73 -8.31 20.29
CA LYS A 13 -8.64 -9.71 19.96
C LYS A 13 -7.21 -10.16 19.85
N GLU A 14 -6.99 -11.46 19.91
CA GLU A 14 -5.66 -12.02 19.69
C GLU A 14 -5.80 -13.25 18.80
N MET A 15 -4.87 -13.43 17.88
CA MET A 15 -4.90 -14.59 17.01
C MET A 15 -3.49 -15.14 16.88
N ARG A 16 -3.37 -16.26 16.18
CA ARG A 16 -2.10 -16.92 15.96
C ARG A 16 -2.16 -17.68 14.65
N PHE A 17 -1.36 -17.23 13.67
CA PHE A 17 -1.32 -17.89 12.38
C PHE A 17 0.02 -18.57 12.22
N SER A 18 0.10 -19.55 11.32
CA SER A 18 1.36 -20.21 11.11
C SER A 18 1.69 -20.18 9.66
N ALA A 19 2.98 -20.14 9.36
CA ALA A 19 3.41 -20.08 8.00
C ALA A 19 4.78 -20.73 7.86
N ALA A 20 5.07 -21.19 6.65
CA ALA A 20 6.30 -21.91 6.32
C ALA A 20 7.24 -21.04 5.49
N GLU A 21 8.53 -21.20 5.72
CA GLU A 21 9.52 -20.41 4.99
C GLU A 21 9.38 -20.55 3.47
N GLY A 22 9.37 -19.41 2.78
CA GLY A 22 9.23 -19.37 1.34
C GLY A 22 7.77 -19.54 0.94
N ALA A 23 6.86 -19.57 1.91
CA ALA A 23 5.45 -19.79 1.57
C ALA A 23 4.62 -18.51 1.73
N LYS A 24 3.31 -18.64 1.63
CA LYS A 24 2.41 -17.53 1.77
C LYS A 24 1.41 -17.73 2.94
N VAL A 25 0.98 -16.62 3.54
CA VAL A 25 0.00 -16.67 4.61
C VAL A 25 -1.06 -15.60 4.42
N LEU A 26 -2.23 -15.81 4.99
CA LEU A 26 -3.27 -14.81 4.95
C LEU A 26 -3.64 -14.45 6.38
N LEU A 27 -3.30 -13.24 6.77
CA LEU A 27 -3.69 -12.76 8.09
C LEU A 27 -5.05 -12.15 7.97
N SER A 28 -6.05 -12.98 8.23
CA SER A 28 -7.43 -12.57 8.13
C SER A 28 -8.05 -12.59 9.53
N VAL A 29 -8.96 -11.66 9.74
CA VAL A 29 -9.57 -11.48 11.03
C VAL A 29 -11.07 -11.33 10.83
N PRO A 30 -11.88 -12.06 11.61
CA PRO A 30 -13.33 -11.83 11.53
C PRO A 30 -13.69 -10.62 12.38
N ASP A 31 -14.24 -9.57 11.79
CA ASP A 31 -14.53 -8.36 12.54
C ASP A 31 -15.95 -8.41 13.09
N ASN A 35 -19.72 -3.06 8.94
CA ASN A 35 -19.62 -1.62 9.15
C ASN A 35 -18.22 -1.21 9.62
N LEU A 36 -17.59 -0.30 8.87
CA LEU A 36 -16.16 0.00 8.99
C LEU A 36 -15.89 1.40 8.46
N LEU A 37 -14.94 2.12 9.07
CA LEU A 37 -14.62 3.48 8.60
C LEU A 37 -13.21 3.67 8.03
N SER A 38 -12.24 2.93 8.55
CA SER A 38 -10.86 2.96 8.10
C SER A 38 -10.14 1.86 8.88
N PHE A 39 -8.95 1.48 8.42
CA PHE A 39 -8.14 0.53 9.20
C PHE A 39 -6.65 0.75 9.03
N SER A 40 -5.84 0.22 9.93
CA SER A 40 -4.38 0.33 9.80
C SER A 40 -3.68 -0.90 10.33
N TRP A 41 -2.61 -1.30 9.66
CA TRP A 41 -1.82 -2.43 10.10
C TRP A 41 -0.54 -1.86 10.63
N TYR A 42 -0.08 -2.38 11.76
CA TYR A 42 1.17 -1.93 12.34
C TYR A 42 2.05 -3.14 12.56
N LYS A 43 3.36 -2.96 12.51
CA LYS A 43 4.26 -4.01 12.94
C LYS A 43 4.30 -4.08 14.46
N GLY A 44 3.90 -5.23 14.99
CA GLY A 44 3.92 -5.45 16.43
C GLY A 44 2.53 -5.50 17.05
N LYS A 45 2.52 -5.59 18.38
CA LYS A 45 1.29 -5.73 19.16
C LYS A 45 0.71 -4.34 19.45
N ASP A 46 1.52 -3.30 19.18
CA ASP A 46 1.14 -1.92 19.48
C ASP A 46 0.76 -1.08 18.26
N VAL A 47 -0.35 -0.38 18.41
CA VAL A 47 -0.85 0.59 17.47
C VAL A 47 -0.05 1.87 17.65
N ASN A 48 1.14 1.92 17.04
CA ASN A 48 1.94 3.13 17.03
C ASN A 48 2.16 3.63 15.62
N GLU A 49 2.01 4.92 15.45
CA GLU A 49 1.99 5.54 14.11
C GLU A 49 3.33 5.46 13.39
N ASN A 50 4.42 5.22 14.13
CA ASN A 50 5.72 5.07 13.51
C ASN A 50 5.97 3.70 12.92
N PHE A 51 5.06 2.77 13.18
CA PHE A 51 5.23 1.38 12.76
C PHE A 51 4.20 0.88 11.73
N THR A 52 3.47 1.79 11.10
CA THR A 52 2.40 1.42 10.18
C THR A 52 2.91 0.64 8.98
N ILE A 53 2.09 -0.29 8.50
CA ILE A 53 2.30 -0.82 7.17
C ILE A 53 1.42 -0.02 6.21
N ALA A 54 0.11 -0.04 6.45
CA ALA A 54 -0.81 0.59 5.55
C ALA A 54 -2.04 1.02 6.30
N HIS A 55 -2.61 2.12 5.81
CA HIS A 55 -3.72 2.79 6.44
C HIS A 55 -4.80 3.04 5.38
N TYR A 56 -5.88 2.26 5.44
CA TYR A 56 -6.95 2.36 4.46
C TYR A 56 -8.06 3.28 4.93
N LYS A 57 -8.55 4.12 4.02
CA LYS A 57 -9.58 5.09 4.35
C LYS A 57 -10.77 4.92 3.42
N LYS A 58 -11.84 4.32 3.93
CA LYS A 58 -13.00 3.94 3.10
C LYS A 58 -13.66 5.16 2.46
N SER A 59 -13.40 6.33 3.04
CA SER A 59 -14.04 7.54 2.61
C SER A 59 -13.35 8.02 1.34
N SER A 60 -12.02 7.97 1.35
CA SER A 60 -11.23 8.38 0.19
C SER A 60 -10.84 7.22 -0.74
N ASP A 61 -11.23 6.01 -0.36
CA ASP A 61 -10.86 4.79 -1.07
C ASP A 61 -9.37 4.74 -1.42
N SER A 62 -8.56 5.23 -0.49
CA SER A 62 -7.12 5.29 -0.67
C SER A 62 -6.35 4.47 0.35
N LEU A 63 -5.04 4.51 0.24
CA LEU A 63 -4.20 3.75 1.15
C LEU A 63 -2.89 4.49 1.35
N GLN A 64 -2.57 4.75 2.62
CA GLN A 64 -1.34 5.45 2.94
C GLN A 64 -0.36 4.43 3.41
N LEU A 65 0.83 4.46 2.82
CA LEU A 65 1.85 3.48 3.07
C LEU A 65 2.64 3.81 4.34
N GLY A 66 3.04 2.78 5.08
CA GLY A 66 3.82 2.97 6.27
C GLY A 66 5.29 2.68 5.99
N LYS A 67 6.12 2.76 7.02
CA LYS A 67 7.57 2.60 6.88
C LYS A 67 8.09 1.23 7.21
N LYS A 68 7.19 0.34 7.56
CA LYS A 68 7.55 -1.02 7.86
C LYS A 68 7.06 -1.94 6.77
N VAL A 69 7.04 -1.41 5.55
CA VAL A 69 6.69 -2.16 4.35
C VAL A 69 7.87 -3.00 3.87
N SER A 70 7.66 -4.29 3.67
CA SER A 70 8.76 -5.12 3.20
C SER A 70 8.73 -5.34 1.66
N GLY A 71 7.54 -5.24 1.07
CA GLY A 71 7.37 -5.43 -0.36
C GLY A 71 6.78 -6.80 -0.65
N ARG A 72 6.52 -7.55 0.42
CA ARG A 72 5.96 -8.88 0.28
C ARG A 72 4.52 -8.93 0.78
N GLU A 73 3.90 -7.77 0.92
CA GLU A 73 2.56 -7.72 1.48
C GLU A 73 1.50 -7.31 0.49
N GLU A 74 0.33 -7.92 0.61
CA GLU A 74 -0.83 -7.51 -0.15
C GLU A 74 -1.92 -7.11 0.81
N ILE A 75 -2.52 -5.95 0.61
CA ILE A 75 -3.60 -5.53 1.49
C ILE A 75 -4.94 -5.52 0.80
N TYR A 76 -5.91 -6.17 1.43
CA TYR A 76 -7.25 -6.24 0.91
C TYR A 76 -8.16 -5.26 1.65
N LYS A 77 -9.34 -5.01 1.09
CA LYS A 77 -10.20 -3.98 1.66
C LYS A 77 -11.17 -4.46 2.73
N ASP A 78 -11.06 -5.73 3.14
CA ASP A 78 -11.84 -6.17 4.29
C ASP A 78 -10.92 -6.21 5.49
N GLY A 79 -9.73 -5.65 5.32
CA GLY A 79 -8.74 -5.62 6.39
C GLY A 79 -7.78 -6.80 6.31
N SER A 80 -7.98 -7.69 5.34
CA SER A 80 -7.15 -8.88 5.26
C SER A 80 -5.80 -8.49 4.71
N MET A 81 -4.76 -9.14 5.24
CA MET A 81 -3.42 -8.93 4.72
C MET A 81 -2.71 -10.23 4.38
N MET A 82 -2.28 -10.33 3.13
CA MET A 82 -1.53 -11.46 2.59
C MET A 82 -0.03 -11.21 2.69
N LEU A 83 0.75 -12.24 3.03
CA LEU A 83 2.23 -12.14 3.06
C LEU A 83 2.86 -13.23 2.20
N ARG A 84 3.92 -12.88 1.48
CA ARG A 84 4.61 -13.80 0.55
C ARG A 84 6.07 -13.93 0.85
N ALA A 85 6.68 -14.98 0.30
CA ALA A 85 8.12 -15.21 0.47
C ALA A 85 8.46 -15.07 1.94
N ILE A 86 7.78 -15.83 2.78
CA ILE A 86 7.99 -15.70 4.20
C ILE A 86 9.40 -16.14 4.60
N THR A 87 9.95 -15.47 5.59
CA THR A 87 11.30 -15.74 6.06
C THR A 87 11.18 -15.87 7.55
N LEU A 88 12.21 -16.40 8.19
CA LEU A 88 12.21 -16.61 9.63
C LEU A 88 12.21 -15.28 10.37
N GLU A 89 12.45 -14.19 9.63
CA GLU A 89 12.41 -12.86 10.21
C GLU A 89 10.99 -12.33 10.23
N ASP A 90 10.07 -13.06 9.62
CA ASP A 90 8.72 -12.56 9.45
C ASP A 90 7.86 -12.93 10.63
N THR A 91 8.44 -13.72 11.53
CA THR A 91 7.80 -14.11 12.77
C THR A 91 7.66 -12.90 13.67
N GLY A 92 6.50 -12.72 14.27
CA GLY A 92 6.32 -11.63 15.21
C GLY A 92 4.88 -11.22 15.29
N PHE A 93 4.64 -10.01 15.79
CA PHE A 93 3.29 -9.52 15.90
C PHE A 93 2.96 -8.54 14.80
N TYR A 94 1.68 -8.41 14.51
CA TYR A 94 1.17 -7.44 13.57
C TYR A 94 -0.19 -7.04 14.11
N THR A 95 -0.48 -5.75 14.20
CA THR A 95 -1.74 -5.28 14.79
C THR A 95 -2.66 -4.64 13.76
N LEU A 96 -3.93 -5.04 13.76
CA LEU A 96 -4.93 -4.40 12.91
C LEU A 96 -5.87 -3.53 13.74
N GLN A 97 -5.91 -2.25 13.41
CA GLN A 97 -6.83 -1.32 14.04
C GLN A 97 -7.95 -0.90 13.09
N THR A 98 -9.18 -1.25 13.45
CA THR A 98 -10.36 -0.92 12.67
C THR A 98 -11.08 0.28 13.28
N PHE A 99 -11.58 1.21 12.46
CA PHE A 99 -12.41 2.25 13.04
C PHE A 99 -13.87 1.99 12.74
N LYS A 100 -14.67 2.04 13.80
CA LYS A 100 -16.11 1.77 13.81
C LYS A 100 -16.54 0.62 12.90
N GLY A 103 -18.64 5.81 17.55
CA GLY A 103 -17.39 5.42 16.95
C GLY A 103 -16.70 4.29 17.71
N GLN A 104 -16.16 3.31 16.98
CA GLN A 104 -15.51 2.21 17.66
C GLN A 104 -14.07 2.10 17.21
N GLN A 105 -13.31 1.27 17.92
CA GLN A 105 -11.98 0.90 17.52
C GLN A 105 -11.92 -0.58 17.77
N GLU A 106 -11.48 -1.35 16.77
CA GLU A 106 -11.21 -2.75 17.00
C GLU A 106 -9.72 -2.97 16.95
N VAL A 107 -9.18 -3.76 17.86
CA VAL A 107 -7.76 -4.03 17.79
C VAL A 107 -7.52 -5.51 17.80
N THR A 108 -7.06 -6.01 16.67
CA THR A 108 -6.78 -7.42 16.52
C THR A 108 -5.28 -7.57 16.54
N HIS A 109 -4.80 -8.43 17.43
CA HIS A 109 -3.38 -8.68 17.56
C HIS A 109 -3.08 -10.01 16.90
N VAL A 110 -2.56 -9.95 15.68
CA VAL A 110 -2.25 -11.13 14.90
C VAL A 110 -0.81 -11.57 15.15
N HIS A 111 -0.63 -12.78 15.66
CA HIS A 111 0.71 -13.29 15.80
C HIS A 111 1.05 -14.14 14.59
N LEU A 112 2.30 -14.05 14.15
CA LEU A 112 2.78 -14.91 13.07
C LEU A 112 4.04 -15.61 13.52
N GLN A 113 4.06 -16.93 13.39
CA GLN A 113 5.22 -17.72 13.71
C GLN A 113 5.60 -18.48 12.47
N VAL A 114 6.86 -18.36 12.06
CA VAL A 114 7.32 -19.04 10.87
C VAL A 114 8.15 -20.23 11.32
N TYR A 115 7.96 -21.35 10.63
CA TYR A 115 8.69 -22.57 10.94
C TYR A 115 9.42 -23.04 9.70
N LYS A 116 10.49 -23.80 9.90
CA LYS A 116 11.25 -24.37 8.78
C LYS A 116 10.74 -25.76 8.53
N ILE A 117 10.56 -26.12 7.27
CA ILE A 117 10.13 -27.46 6.91
C ILE A 117 10.39 -27.70 5.44
N ALA B 8 -2.13 -5.85 -26.66
CA ALA B 8 -2.77 -4.95 -27.62
C ALA B 8 -2.14 -3.56 -27.65
N LEU B 9 -2.97 -2.54 -27.44
CA LEU B 9 -2.55 -1.15 -27.58
C LEU B 9 -1.49 -0.81 -26.56
N LEU B 10 -0.80 0.29 -26.79
CA LEU B 10 0.24 0.73 -25.89
C LEU B 10 0.42 2.21 -26.07
N THR B 11 -0.29 2.97 -25.26
CA THR B 11 -0.20 4.40 -25.30
C THR B 11 0.77 4.81 -24.21
N SER B 12 1.40 5.97 -24.34
CA SER B 12 2.38 6.38 -23.37
C SER B 12 2.51 7.88 -23.30
N LYS B 13 2.97 8.38 -22.16
CA LYS B 13 3.02 9.80 -21.90
C LYS B 13 4.15 10.14 -20.97
N GLU B 14 4.49 11.42 -20.90
CA GLU B 14 5.48 11.90 -19.96
C GLU B 14 4.93 13.16 -19.30
N MET B 15 5.16 13.30 -18.00
CA MET B 15 4.65 14.47 -17.30
C MET B 15 5.71 15.08 -16.40
N ARG B 16 5.36 16.20 -15.77
CA ARG B 16 6.30 16.94 -14.95
C ARG B 16 5.61 17.72 -13.81
N PHE B 17 5.78 17.30 -12.57
CA PHE B 17 5.23 18.07 -11.44
C PHE B 17 6.32 18.69 -10.61
N SER B 18 5.97 19.76 -9.90
CA SER B 18 6.91 20.44 -9.04
C SER B 18 6.31 20.56 -7.65
N ALA B 19 7.14 20.49 -6.63
CA ALA B 19 6.71 20.63 -5.24
C ALA B 19 7.89 21.11 -4.37
N ALA B 20 7.57 21.69 -3.22
CA ALA B 20 8.58 22.27 -2.34
C ALA B 20 8.88 21.32 -1.20
N GLU B 21 10.14 21.33 -0.75
CA GLU B 21 10.61 20.42 0.27
C GLU B 21 9.76 20.44 1.53
N GLY B 22 9.40 19.24 1.99
CA GLY B 22 8.58 19.05 3.18
C GLY B 22 7.07 19.20 3.00
N ALA B 23 6.59 19.36 1.76
CA ALA B 23 5.18 19.64 1.49
C ALA B 23 4.41 18.41 0.94
N LYS B 24 3.21 18.63 0.41
CA LYS B 24 2.43 17.54 -0.16
C LYS B 24 2.22 17.75 -1.68
N VAL B 25 2.31 16.67 -2.46
CA VAL B 25 2.06 16.77 -3.90
C VAL B 25 1.20 15.60 -4.36
N LEU B 26 0.49 15.78 -5.46
CA LEU B 26 -0.31 14.71 -6.03
C LEU B 26 0.13 14.46 -7.44
N LEU B 27 0.65 13.27 -7.72
CA LEU B 27 0.94 12.86 -9.09
C LEU B 27 -0.30 12.18 -9.72
N SER B 28 -1.08 12.91 -10.51
CA SER B 28 -2.29 12.35 -11.13
C SER B 28 -2.23 12.27 -12.66
N VAL B 29 -2.92 11.26 -13.21
CA VAL B 29 -2.90 10.93 -14.63
C VAL B 29 -4.33 10.73 -15.17
N PRO B 30 -4.63 11.27 -16.38
CA PRO B 30 -5.96 11.08 -16.94
C PRO B 30 -6.21 9.65 -17.38
N ASP B 31 -7.21 9.02 -16.76
CA ASP B 31 -7.51 7.61 -16.93
C ASP B 31 -8.50 7.39 -18.06
N LEU B 36 -10.44 0.02 -15.88
CA LEU B 36 -9.20 -0.25 -15.19
C LEU B 36 -9.20 -1.68 -14.70
N LEU B 37 -8.05 -2.34 -14.78
CA LEU B 37 -7.92 -3.70 -14.26
C LEU B 37 -6.86 -3.77 -13.17
N SER B 38 -5.82 -2.97 -13.33
CA SER B 38 -4.74 -2.89 -12.38
C SER B 38 -3.83 -1.77 -12.82
N PHE B 39 -2.99 -1.31 -11.90
CA PHE B 39 -1.95 -0.37 -12.26
C PHE B 39 -0.77 -0.58 -11.33
N SER B 40 0.40 -0.08 -11.72
CA SER B 40 1.57 -0.22 -10.85
C SER B 40 2.37 1.04 -10.87
N TRP B 41 2.88 1.39 -9.70
CA TRP B 41 3.75 2.52 -9.55
C TRP B 41 5.11 1.95 -9.25
N TYR B 42 6.10 2.52 -9.94
CA TYR B 42 7.50 2.18 -9.78
C TYR B 42 8.25 3.42 -9.43
N LYS B 43 9.33 3.24 -8.69
CA LYS B 43 10.30 4.27 -8.46
C LYS B 43 11.19 4.24 -9.69
N GLY B 44 11.18 5.31 -10.49
CA GLY B 44 12.02 5.42 -11.68
C GLY B 44 11.30 5.27 -13.02
N LYS B 45 12.06 5.34 -14.11
CA LYS B 45 11.48 5.29 -15.45
C LYS B 45 11.36 3.86 -15.98
N ASP B 46 11.92 2.90 -15.25
CA ASP B 46 11.96 1.52 -15.72
C ASP B 46 10.87 0.67 -15.09
N VAL B 47 10.13 -0.05 -15.92
CA VAL B 47 9.16 -1.00 -15.42
C VAL B 47 9.89 -2.30 -15.08
N ASN B 48 10.56 -2.30 -13.92
CA ASN B 48 11.17 -3.52 -13.39
C ASN B 48 10.56 -3.79 -12.01
N GLU B 49 10.16 -5.04 -11.78
CA GLU B 49 9.38 -5.35 -10.58
C GLU B 49 10.20 -5.24 -9.30
N ASN B 50 11.52 -5.14 -9.42
CA ASN B 50 12.34 -4.93 -8.26
C ASN B 50 12.24 -3.46 -7.86
N PHE B 51 11.58 -2.67 -8.70
CA PHE B 51 11.48 -1.24 -8.50
C PHE B 51 10.07 -0.78 -8.14
N THR B 52 9.17 -1.73 -7.90
CA THR B 52 7.76 -1.43 -7.66
C THR B 52 7.57 -0.57 -6.44
N ILE B 53 6.61 0.33 -6.50
CA ILE B 53 6.13 0.99 -5.31
C ILE B 53 4.85 0.28 -4.89
N ALA B 54 3.88 0.21 -5.80
CA ALA B 54 2.60 -0.42 -5.46
C ALA B 54 1.86 -0.94 -6.66
N HIS B 55 1.13 -2.03 -6.51
CA HIS B 55 0.42 -2.63 -7.61
C HIS B 55 -1.03 -2.85 -7.21
N TYR B 56 -1.91 -2.02 -7.72
CA TYR B 56 -3.33 -2.12 -7.41
C TYR B 56 -3.99 -2.99 -8.45
N LYS B 57 -4.90 -3.86 -8.02
CA LYS B 57 -5.57 -4.77 -8.93
C LYS B 57 -7.08 -4.60 -8.79
N LYS B 58 -7.72 -3.98 -9.79
CA LYS B 58 -9.15 -3.61 -9.66
C LYS B 58 -10.09 -4.81 -9.49
N SER B 59 -9.61 -5.99 -9.82
CA SER B 59 -10.48 -7.16 -9.81
C SER B 59 -10.75 -7.65 -8.39
N SER B 60 -9.69 -7.80 -7.60
CA SER B 60 -9.82 -8.22 -6.21
C SER B 60 -9.86 -6.99 -5.27
N ASP B 61 -9.74 -5.81 -5.86
CA ASP B 61 -9.68 -4.57 -5.09
C ASP B 61 -8.67 -4.63 -3.94
N SER B 62 -7.51 -5.23 -4.21
CA SER B 62 -6.46 -5.30 -3.21
C SER B 62 -5.30 -4.48 -3.70
N LEU B 63 -4.23 -4.46 -2.92
CA LEU B 63 -3.08 -3.63 -3.24
C LEU B 63 -1.85 -4.37 -2.81
N GLN B 64 -0.90 -4.46 -3.71
CA GLN B 64 0.33 -5.19 -3.46
C GLN B 64 1.46 -4.19 -3.23
N LEU B 65 2.09 -4.23 -2.07
CA LEU B 65 3.13 -3.26 -1.78
C LEU B 65 4.50 -3.69 -2.29
N GLY B 66 5.25 -2.74 -2.82
CA GLY B 66 6.54 -3.00 -3.43
C GLY B 66 7.73 -2.75 -2.54
N LYS B 67 8.92 -2.88 -3.13
CA LYS B 67 10.18 -2.79 -2.40
C LYS B 67 10.79 -1.42 -2.48
N LYS B 68 10.13 -0.53 -3.21
CA LYS B 68 10.58 0.84 -3.33
C LYS B 68 9.63 1.75 -2.58
N VAL B 69 8.98 1.18 -1.58
CA VAL B 69 8.13 1.96 -0.70
C VAL B 69 9.02 2.67 0.31
N SER B 70 8.87 3.98 0.41
CA SER B 70 9.66 4.75 1.36
C SER B 70 8.81 4.96 2.61
N GLY B 71 7.49 4.87 2.43
CA GLY B 71 6.57 5.04 3.53
C GLY B 71 5.90 6.38 3.54
N ARG B 72 6.17 7.21 2.54
CA ARG B 72 5.56 8.54 2.50
C ARG B 72 4.53 8.68 1.39
N GLU B 73 4.03 7.56 0.88
CA GLU B 73 3.16 7.59 -0.30
C GLU B 73 1.73 7.26 0.04
N GLU B 74 0.80 7.88 -0.66
CA GLU B 74 -0.61 7.52 -0.58
C GLU B 74 -1.12 7.16 -1.96
N ILE B 75 -1.85 6.05 -2.07
CA ILE B 75 -2.38 5.64 -3.37
C ILE B 75 -3.91 5.72 -3.46
N TYR B 76 -4.39 6.41 -4.49
CA TYR B 76 -5.81 6.52 -4.78
C TYR B 76 -6.18 5.64 -5.98
N LYS B 77 -7.48 5.38 -6.20
CA LYS B 77 -7.88 4.38 -7.19
C LYS B 77 -8.02 4.87 -8.62
N ASP B 78 -7.61 6.12 -8.84
CA ASP B 78 -7.54 6.64 -10.20
C ASP B 78 -6.11 6.63 -10.69
N GLY B 79 -5.25 5.96 -9.94
CA GLY B 79 -3.85 5.84 -10.34
C GLY B 79 -2.96 6.94 -9.78
N SER B 80 -3.54 7.89 -9.06
CA SER B 80 -2.76 8.99 -8.53
C SER B 80 -1.98 8.55 -7.30
N MET B 81 -0.79 9.12 -7.17
CA MET B 81 0.00 8.94 -5.97
C MET B 81 0.40 10.25 -5.34
N MET B 82 -0.01 10.41 -4.09
CA MET B 82 0.32 11.57 -3.30
C MET B 82 1.62 11.31 -2.54
N LEU B 83 2.48 12.33 -2.48
CA LEU B 83 3.72 12.22 -1.73
C LEU B 83 3.69 13.28 -0.67
N ARG B 84 4.14 12.92 0.53
CA ARG B 84 4.18 13.85 1.66
C ARG B 84 5.57 13.81 2.27
N ALA B 85 5.87 14.82 3.09
CA ALA B 85 7.17 14.94 3.78
C ALA B 85 8.34 14.74 2.81
N ILE B 86 8.30 15.45 1.68
CA ILE B 86 9.30 15.33 0.63
C ILE B 86 10.65 15.81 1.12
N THR B 87 11.71 15.18 0.66
CA THR B 87 13.05 15.44 1.20
C THR B 87 14.09 15.75 0.16
N LEU B 88 13.67 16.24 -1.01
CA LEU B 88 14.59 16.56 -2.11
C LEU B 88 15.37 15.36 -2.66
N GLU B 89 15.36 14.23 -1.96
CA GLU B 89 16.02 13.03 -2.46
C GLU B 89 15.04 12.33 -3.40
N ASP B 90 13.82 12.83 -3.43
CA ASP B 90 12.74 12.22 -4.21
C ASP B 90 12.64 12.78 -5.63
N THR B 91 13.53 13.70 -5.97
CA THR B 91 13.58 14.20 -7.33
C THR B 91 14.04 13.02 -8.18
N GLY B 92 13.37 12.81 -9.30
CA GLY B 92 13.72 11.73 -10.20
C GLY B 92 12.48 11.34 -10.97
N PHE B 93 12.46 10.11 -11.46
CA PHE B 93 11.32 9.58 -12.18
C PHE B 93 10.44 8.74 -11.27
N TYR B 94 9.17 8.65 -11.66
CA TYR B 94 8.20 7.79 -11.04
C TYR B 94 7.30 7.31 -12.16
N THR B 95 7.07 6.01 -12.27
CA THR B 95 6.32 5.49 -13.42
C THR B 95 4.99 4.87 -13.04
N LEU B 96 3.94 5.23 -13.80
CA LEU B 96 2.64 4.57 -13.69
C LEU B 96 2.34 3.70 -14.92
N GLN B 97 2.15 2.40 -14.69
CA GLN B 97 1.73 1.47 -15.71
C GLN B 97 0.29 1.02 -15.52
N THR B 98 -0.59 1.43 -16.43
CA THR B 98 -1.99 1.07 -16.30
C THR B 98 -2.41 -0.06 -17.25
N PHE B 99 -3.14 -1.01 -16.68
CA PHE B 99 -3.74 -2.13 -17.38
C PHE B 99 -5.24 -1.94 -17.54
N LYS B 100 -5.75 -2.19 -18.74
CA LYS B 100 -7.17 -2.06 -19.01
C LYS B 100 -7.68 -3.26 -19.80
N GLY B 103 -8.43 -4.59 -24.60
CA GLY B 103 -7.79 -4.06 -23.41
C GLY B 103 -6.40 -3.52 -23.72
N GLN B 104 -6.07 -2.37 -23.14
CA GLN B 104 -4.81 -1.71 -23.47
C GLN B 104 -3.90 -1.51 -22.27
N GLN B 105 -2.73 -0.94 -22.55
CA GLN B 105 -1.78 -0.54 -21.54
C GLN B 105 -1.31 0.89 -21.79
N GLU B 106 -1.37 1.72 -20.75
CA GLU B 106 -0.76 3.05 -20.85
C GLU B 106 0.46 3.14 -19.93
N VAL B 107 1.52 3.82 -20.39
CA VAL B 107 2.68 4.03 -19.53
C VAL B 107 3.07 5.49 -19.43
N THR B 108 2.94 6.02 -18.23
CA THR B 108 3.27 7.41 -17.95
C THR B 108 4.56 7.52 -17.15
N HIS B 109 5.50 8.32 -17.67
CA HIS B 109 6.71 8.62 -16.91
C HIS B 109 6.57 10.01 -16.33
N VAL B 110 6.24 10.03 -15.05
CA VAL B 110 6.02 11.27 -14.34
C VAL B 110 7.31 11.69 -13.67
N HIS B 111 7.84 12.86 -14.05
CA HIS B 111 8.98 13.37 -13.33
C HIS B 111 8.46 14.28 -12.23
N LEU B 112 9.19 14.31 -11.11
CA LEU B 112 8.89 15.17 -9.98
C LEU B 112 10.11 16.00 -9.63
N GLN B 113 9.91 17.30 -9.45
CA GLN B 113 10.99 18.23 -9.13
C GLN B 113 10.75 18.87 -7.77
N VAL B 114 11.74 18.77 -6.88
CA VAL B 114 11.61 19.35 -5.54
C VAL B 114 12.45 20.61 -5.36
N TYR B 115 11.87 21.56 -4.65
CA TYR B 115 12.51 22.85 -4.39
C TYR B 115 12.57 23.00 -2.87
N LYS B 116 13.45 23.87 -2.36
CA LYS B 116 13.62 24.03 -0.90
C LYS B 116 12.70 25.11 -0.30
N ILE B 117 12.30 26.07 -1.15
CA ILE B 117 11.35 27.12 -0.81
C ILE B 117 11.68 27.88 0.48
N UNK C 1 -10.01 -15.14 21.81
CA UNK C 1 -11.34 -14.59 22.07
C UNK C 1 -11.32 -13.10 21.79
N UNK C 2 -12.47 -12.46 21.91
CA UNK C 2 -12.57 -11.01 21.74
C UNK C 2 -13.06 -10.34 23.03
N UNK C 3 -12.31 -9.36 23.50
CA UNK C 3 -12.63 -8.64 24.72
C UNK C 3 -13.07 -7.22 24.43
N UNK C 4 -14.28 -6.87 24.82
CA UNK C 4 -14.74 -5.48 24.70
C UNK C 4 -14.42 -4.71 26.00
N UNK C 5 -14.14 -3.40 25.88
CA UNK C 5 -13.87 -2.54 27.03
C UNK C 5 -14.42 -1.14 26.77
N UNK C 6 -15.54 -0.80 27.41
CA UNK C 6 -16.20 0.51 27.20
C UNK C 6 -15.97 1.47 28.36
N UNK C 7 -16.47 2.70 28.20
CA UNK C 7 -16.35 3.72 29.26
C UNK C 7 -17.66 4.48 29.50
N UNK C 8 -18.61 3.82 30.16
CA UNK C 8 -19.91 4.42 30.50
C UNK C 8 -19.80 5.38 31.70
N UNK D 1 1.39 15.24 -25.38
CA UNK D 1 0.40 14.36 -25.99
C UNK D 1 0.53 12.94 -25.45
N UNK D 2 -0.30 12.04 -25.98
CA UNK D 2 -0.24 10.61 -25.66
C UNK D 2 0.11 9.86 -26.94
N UNK D 3 1.14 9.01 -26.91
CA UNK D 3 1.59 8.31 -28.11
C UNK D 3 1.17 6.85 -28.12
N UNK D 4 0.36 6.47 -29.10
CA UNK D 4 -0.06 5.08 -29.22
C UNK D 4 0.95 4.28 -30.04
N UNK D 5 1.08 3.00 -29.71
CA UNK D 5 1.96 2.10 -30.46
C UNK D 5 1.42 0.68 -30.49
N UNK D 6 0.91 0.26 -31.65
CA UNK D 6 0.39 -1.09 -31.83
C UNK D 6 1.43 -1.88 -32.66
N UNK D 7 1.21 -3.18 -32.87
CA UNK D 7 2.15 -3.97 -33.66
C UNK D 7 1.46 -4.85 -34.69
N UNK D 8 0.98 -4.22 -35.77
CA UNK D 8 0.28 -4.92 -36.84
C UNK D 8 1.25 -5.71 -37.73
C1 NAG E . 8.37 10.04 16.97
C2 NAG E . 9.22 10.74 17.98
C3 NAG E . 10.49 11.24 17.34
C4 NAG E . 11.14 10.23 16.46
C5 NAG E . 10.13 9.65 15.50
C6 NAG E . 10.77 8.59 14.67
C7 NAG E . 8.90 12.47 19.76
C8 NAG E . 8.12 13.62 20.31
N2 NAG E . 8.50 11.84 18.54
O3 NAG E . 11.38 11.60 18.33
O4 NAG E . 12.16 10.85 15.75
O5 NAG E . 9.09 9.12 16.24
O6 NAG E . 11.60 9.18 13.73
O7 NAG E . 9.90 12.08 20.36
C1 NAG F . 16.57 -8.54 -10.69
C2 NAG F . 16.18 -9.69 -11.57
C3 NAG F . 16.67 -11.04 -11.11
C4 NAG F . 17.04 -11.18 -9.65
C5 NAG F . 16.98 -9.90 -8.87
C6 NAG F . 17.85 -10.05 -7.65
C7 NAG F . 14.03 -8.75 -12.50
C8 NAG F . 12.53 -8.88 -12.61
N2 NAG F . 14.75 -9.73 -11.73
O3 NAG F . 17.73 -11.46 -11.90
O4 NAG F . 16.19 -12.08 -9.04
O5 NAG F . 17.42 -8.88 -9.67
O6 NAG F . 19.00 -9.28 -7.71
O7 NAG F . 14.60 -7.83 -13.07
#